data_7RXO
#
_entry.id   7RXO
#
_cell.length_a   53.948
_cell.length_b   72.177
_cell.length_c   72.544
_cell.angle_alpha   90.000
_cell.angle_beta   90.000
_cell.angle_gamma   90.000
#
_symmetry.space_group_name_H-M   'P 21 21 21'
#
loop_
_entity.id
_entity.type
_entity.pdbx_description
1 polymer 'Cyclin-dependent kinase 2'
2 non-polymer 1,2-ETHANEDIOL
3 non-polymer '2-{[2-(1H-indol-3-yl)ethyl]amino}-5-(methoxycarbonyl)benzoic acid'
4 water water
#
_entity_poly.entity_id   1
_entity_poly.type   'polypeptide(L)'
_entity_poly.pdbx_seq_one_letter_code
;MENFQKVEKIGEGTYGVVYKARNKLTGEVVALKKIRLDTETEGVPSTAIREISLLKELNHPNIVKLLDVIHTENKLYLVF
EFLHQDLKKFMDASALTGIPLPLIKSYLFQLLQGLAFCHSHRVLHRDLKPQNLLINTEGAIKLADFGLARAFGVPVRTYT
HEVVTLWYRAPEILLGCKYYSTAVDIWSLGCIFAEMVTRRALFPGDSEIDQLFRIFRTLGTPDEVVWPGVTSMPDYKPSF
PKWARQDFSKVVPPLDEDGRSLLSQMLHYDPNKRISAKAALAHPFFQDVTKPVPHLRL
;
_entity_poly.pdbx_strand_id   A
#
loop_
_chem_comp.id
_chem_comp.type
_chem_comp.name
_chem_comp.formula
80E non-polymer '2-{[2-(1H-indol-3-yl)ethyl]amino}-5-(methoxycarbonyl)benzoic acid' 'C19 H18 N2 O4'
EDO non-polymer 1,2-ETHANEDIOL 'C2 H6 O2'
#
# COMPACT_ATOMS: atom_id res chain seq x y z
N ASN A 3 -10.49 30.87 -0.15
CA ASN A 3 -9.04 30.85 0.03
C ASN A 3 -8.34 30.04 -1.04
N PHE A 4 -9.09 29.17 -1.71
CA PHE A 4 -8.53 28.21 -2.67
C PHE A 4 -9.29 28.27 -3.97
N GLN A 5 -8.55 28.51 -5.05
CA GLN A 5 -9.05 28.38 -6.42
C GLN A 5 -8.96 26.92 -6.88
N LYS A 6 -10.13 26.27 -6.94
CA LYS A 6 -10.24 24.87 -7.33
C LYS A 6 -9.83 24.69 -8.79
N VAL A 7 -9.00 23.70 -9.06
CA VAL A 7 -8.46 23.50 -10.39
C VAL A 7 -9.09 22.31 -11.08
N GLU A 8 -9.35 21.25 -10.34
CA GLU A 8 -9.96 20.04 -10.88
C GLU A 8 -10.26 19.11 -9.71
N LYS A 9 -11.28 18.27 -9.86
CA LYS A 9 -11.49 17.23 -8.86
C LYS A 9 -10.45 16.12 -9.07
N ILE A 10 -9.69 15.76 -8.04
CA ILE A 10 -8.64 14.79 -8.27
C ILE A 10 -9.22 13.38 -8.30
N GLY A 16 -13.86 11.28 1.60
CA GLY A 16 -14.49 12.36 0.89
C GLY A 16 -13.90 12.65 -0.47
N VAL A 17 -13.97 13.90 -0.88
CA VAL A 17 -13.58 14.30 -2.22
C VAL A 17 -12.26 15.06 -2.16
N VAL A 18 -11.45 14.93 -3.21
CA VAL A 18 -10.12 15.53 -3.25
C VAL A 18 -10.02 16.41 -4.48
N TYR A 19 -9.52 17.63 -4.30
CA TYR A 19 -9.38 18.59 -5.38
C TYR A 19 -7.93 19.02 -5.51
N LYS A 20 -7.52 19.26 -6.75
CA LYS A 20 -6.33 20.07 -6.97
C LYS A 20 -6.76 21.51 -6.82
N ALA A 21 -6.05 22.27 -5.99
CA ALA A 21 -6.45 23.64 -5.72
C ALA A 21 -5.23 24.52 -5.64
N ARG A 22 -5.43 25.81 -5.85
CA ARG A 22 -4.37 26.80 -5.76
CA ARG A 22 -4.36 26.79 -5.75
C ARG A 22 -4.66 27.74 -4.60
N ASN A 23 -3.70 27.87 -3.69
CA ASN A 23 -3.83 28.84 -2.61
C ASN A 23 -3.80 30.26 -3.18
N LYS A 24 -4.82 31.03 -2.86
CA LYS A 24 -4.91 32.41 -3.34
C LYS A 24 -3.83 33.28 -2.70
N THR A 26 -0.72 32.32 -1.59
CA THR A 26 0.67 31.87 -1.71
C THR A 26 1.02 31.38 -3.11
N GLY A 27 0.01 31.17 -3.95
CA GLY A 27 0.20 30.61 -5.27
C GLY A 27 0.48 29.12 -5.28
N GLU A 28 0.56 28.49 -4.12
CA GLU A 28 0.94 27.08 -4.01
C GLU A 28 -0.18 26.19 -4.53
N VAL A 29 0.19 25.19 -5.33
CA VAL A 29 -0.75 24.18 -5.81
C VAL A 29 -0.73 23.02 -4.83
N VAL A 30 -1.91 22.60 -4.37
CA VAL A 30 -2.03 21.60 -3.30
C VAL A 30 -3.15 20.62 -3.63
N ALA A 31 -3.20 19.54 -2.85
CA ALA A 31 -4.33 18.61 -2.85
C ALA A 31 -5.17 18.94 -1.62
N LEU A 32 -6.44 19.27 -1.86
CA LEU A 32 -7.35 19.68 -0.80
C LEU A 32 -8.39 18.59 -0.61
N LYS A 33 -8.46 18.03 0.59
CA LYS A 33 -9.41 16.98 0.92
C LYS A 33 -10.50 17.56 1.82
N LYS A 34 -11.74 17.48 1.36
CA LYS A 34 -12.91 17.83 2.16
C LYS A 34 -13.52 16.54 2.67
N ILE A 35 -13.66 16.42 3.99
CA ILE A 35 -13.98 15.14 4.62
C ILE A 35 -15.46 15.03 4.98
N ARG A 36 -16.07 16.10 5.47
CA ARG A 36 -17.50 16.10 5.80
C ARG A 36 -17.85 15.09 6.89
N ALA A 48 -8.92 13.94 18.19
CA ALA A 48 -8.90 13.74 16.74
C ALA A 48 -8.18 14.89 16.04
N ILE A 49 -8.84 16.06 15.97
CA ILE A 49 -8.18 17.26 15.42
C ILE A 49 -6.81 17.46 16.07
N ARG A 50 -6.72 17.21 17.37
CA ARG A 50 -5.42 17.30 18.04
C ARG A 50 -4.45 16.23 17.54
N GLU A 51 -4.94 15.01 17.33
CA GLU A 51 -4.06 13.92 16.93
C GLU A 51 -3.54 14.11 15.51
N ILE A 52 -4.44 14.47 14.57
CA ILE A 52 -4.03 14.64 13.18
C ILE A 52 -2.99 15.74 13.05
N SER A 53 -3.14 16.82 13.82
CA SER A 53 -2.23 17.95 13.70
C SER A 53 -0.79 17.58 14.03
N LEU A 54 -0.58 16.51 14.81
CA LEU A 54 0.79 16.09 15.10
C LEU A 54 1.53 15.66 13.84
N LEU A 55 0.79 15.12 12.86
CA LEU A 55 1.40 14.62 11.64
C LEU A 55 2.03 15.72 10.79
N LYS A 56 1.65 16.98 11.00
CA LYS A 56 2.20 18.06 10.20
C LYS A 56 3.73 18.15 10.35
N GLU A 57 4.26 17.87 11.52
CA GLU A 57 5.69 17.99 11.76
C GLU A 57 6.45 16.67 11.73
N LEU A 58 5.76 15.54 11.56
CA LEU A 58 6.41 14.28 11.18
C LEU A 58 6.46 14.18 9.66
N ASN A 59 7.66 14.26 9.11
CA ASN A 59 7.86 14.29 7.68
C ASN A 59 8.95 13.31 7.28
N HIS A 60 8.78 12.74 6.09
CA HIS A 60 9.71 11.78 5.53
C HIS A 60 9.63 11.93 4.01
N PRO A 61 10.73 11.71 3.30
CA PRO A 61 10.69 11.86 1.83
C PRO A 61 9.68 10.98 1.13
N ASN A 62 9.30 9.87 1.73
CA ASN A 62 8.39 8.91 1.10
C ASN A 62 7.01 8.93 1.72
N ILE A 63 6.64 10.03 2.37
CA ILE A 63 5.28 10.25 2.87
C ILE A 63 4.80 11.61 2.36
N VAL A 64 3.60 11.65 1.80
CA VAL A 64 3.06 12.91 1.31
C VAL A 64 2.88 13.87 2.49
N LYS A 65 3.31 15.12 2.31
CA LYS A 65 3.33 16.08 3.41
C LYS A 65 1.93 16.62 3.68
N LEU A 66 1.55 16.65 4.96
CA LEU A 66 0.29 17.25 5.41
C LEU A 66 0.59 18.69 5.82
N LEU A 67 0.06 19.63 5.04
CA LEU A 67 0.39 21.05 5.20
C LEU A 67 -0.50 21.73 6.25
N ASP A 68 -1.81 21.50 6.20
CA ASP A 68 -2.74 22.14 7.10
C ASP A 68 -3.93 21.25 7.42
N VAL A 69 -4.52 21.49 8.58
CA VAL A 69 -5.72 20.82 9.06
C VAL A 69 -6.67 21.92 9.50
N ILE A 70 -7.90 21.90 8.98
CA ILE A 70 -8.87 22.97 9.21
C ILE A 70 -10.23 22.37 9.46
N HIS A 71 -10.85 22.74 10.57
CA HIS A 71 -12.14 22.20 10.95
C HIS A 71 -13.09 23.37 11.17
N THR A 72 -14.14 23.46 10.35
CA THR A 72 -15.05 24.59 10.42
C THR A 72 -16.41 24.33 9.79
N LYS A 75 -17.44 20.15 9.00
CA LYS A 75 -16.60 19.98 7.81
C LYS A 75 -15.11 20.06 8.17
N LEU A 76 -14.35 19.06 7.72
CA LEU A 76 -12.92 18.94 8.01
C LEU A 76 -12.14 18.96 6.69
N TYR A 77 -11.17 19.87 6.59
CA TYR A 77 -10.36 20.02 5.40
C TYR A 77 -8.91 19.65 5.72
N LEU A 78 -8.30 18.84 4.86
CA LEU A 78 -6.91 18.47 5.00
C LEU A 78 -6.19 18.93 3.74
N VAL A 79 -5.09 19.67 3.90
CA VAL A 79 -4.33 20.20 2.77
C VAL A 79 -3.01 19.46 2.68
N PHE A 80 -2.74 18.89 1.51
CA PHE A 80 -1.56 18.06 1.28
C PHE A 80 -0.75 18.63 0.13
N GLU A 81 0.55 18.35 0.14
CA GLU A 81 1.35 18.59 -1.05
C GLU A 81 0.77 17.83 -2.23
N PHE A 82 0.92 18.41 -3.42
CA PHE A 82 0.32 17.89 -4.64
C PHE A 82 1.37 17.14 -5.44
N LEU A 83 1.00 15.96 -5.92
CA LEU A 83 1.81 15.24 -6.90
C LEU A 83 0.93 14.85 -8.08
N HIS A 84 1.54 14.84 -9.26
CA HIS A 84 0.80 14.75 -10.52
C HIS A 84 0.33 13.35 -10.88
N GLN A 85 0.99 12.29 -10.43
CA GLN A 85 0.58 10.99 -10.91
C GLN A 85 0.64 10.01 -9.76
N ASP A 86 -0.08 8.91 -9.94
CA ASP A 86 -0.10 7.84 -8.97
C ASP A 86 0.35 6.54 -9.63
N LEU A 87 0.66 5.55 -8.80
CA LEU A 87 1.20 4.30 -9.32
C LEU A 87 0.17 3.52 -10.12
N LYS A 88 -1.11 3.66 -9.81
CA LYS A 88 -2.13 2.97 -10.63
C LYS A 88 -2.11 3.48 -12.07
N LYS A 89 -2.12 4.80 -12.24
CA LYS A 89 -2.03 5.37 -13.58
C LYS A 89 -0.73 4.98 -14.28
N PHE A 90 0.37 5.00 -13.53
CA PHE A 90 1.66 4.65 -14.12
C PHE A 90 1.70 3.18 -14.53
N MET A 91 1.13 2.29 -13.70
CA MET A 91 1.07 0.89 -14.09
CA MET A 91 1.03 0.87 -14.05
C MET A 91 0.22 0.67 -15.33
N ASP A 92 -0.92 1.38 -15.43
CA ASP A 92 -1.74 1.25 -16.63
C ASP A 92 -1.01 1.78 -17.85
N ALA A 93 -0.34 2.92 -17.70
CA ALA A 93 0.44 3.48 -18.81
C ALA A 93 1.58 2.56 -19.21
N SER A 94 2.07 1.74 -18.28
CA SER A 94 3.22 0.88 -18.51
C SER A 94 2.84 -0.56 -18.82
N ALA A 95 1.55 -0.85 -19.06
CA ALA A 95 1.09 -2.23 -19.10
C ALA A 95 1.55 -2.99 -20.35
N LEU A 96 1.83 -2.30 -21.46
CA LEU A 96 2.29 -3.00 -22.65
C LEU A 96 3.71 -3.50 -22.48
N THR A 97 4.55 -2.72 -21.80
CA THR A 97 5.96 -3.04 -21.59
C THR A 97 6.28 -3.52 -20.19
N GLY A 98 5.49 -3.13 -19.19
CA GLY A 98 5.86 -3.36 -17.81
C GLY A 98 6.84 -2.32 -17.30
N ILE A 99 6.75 -2.02 -16.02
CA ILE A 99 7.72 -1.14 -15.36
C ILE A 99 9.08 -1.85 -15.31
N PRO A 100 10.18 -1.19 -15.67
CA PRO A 100 11.49 -1.84 -15.59
C PRO A 100 11.80 -2.31 -14.18
N LEU A 101 12.42 -3.49 -14.08
CA LEU A 101 12.75 -4.01 -12.76
C LEU A 101 13.52 -3.03 -11.90
N PRO A 102 14.51 -2.27 -12.39
CA PRO A 102 15.20 -1.34 -11.49
C PRO A 102 14.27 -0.30 -10.89
N LEU A 103 13.23 0.10 -11.63
CA LEU A 103 12.26 1.07 -11.12
C LEU A 103 11.30 0.41 -10.12
N ILE A 104 10.83 -0.81 -10.42
CA ILE A 104 10.05 -1.57 -9.44
C ILE A 104 10.81 -1.66 -8.12
N LYS A 105 12.09 -2.02 -8.20
CA LYS A 105 12.92 -2.18 -7.01
C LYS A 105 13.09 -0.85 -6.26
N SER A 106 13.33 0.25 -6.99
CA SER A 106 13.46 1.55 -6.33
C SER A 106 12.17 1.95 -5.64
N TYR A 107 11.03 1.74 -6.31
CA TYR A 107 9.75 2.09 -5.71
C TYR A 107 9.46 1.24 -4.47
N LEU A 108 9.70 -0.07 -4.55
CA LEU A 108 9.51 -0.93 -3.38
C LEU A 108 10.39 -0.51 -2.20
N PHE A 109 11.68 -0.26 -2.47
CA PHE A 109 12.61 0.19 -1.44
C PHE A 109 12.12 1.47 -0.79
N GLN A 110 11.69 2.44 -1.60
CA GLN A 110 11.22 3.72 -1.07
C GLN A 110 9.94 3.57 -0.26
N LEU A 111 9.00 2.75 -0.72
CA LEU A 111 7.77 2.54 0.04
C LEU A 111 8.08 1.87 1.38
N LEU A 112 9.02 0.92 1.38
CA LEU A 112 9.43 0.31 2.66
C LEU A 112 10.10 1.32 3.58
N GLN A 113 10.87 2.28 3.03
CA GLN A 113 11.41 3.33 3.89
C GLN A 113 10.30 4.16 4.51
N GLY A 114 9.27 4.48 3.70
CA GLY A 114 8.15 5.23 4.23
C GLY A 114 7.39 4.48 5.30
N LEU A 115 7.13 3.18 5.07
CA LEU A 115 6.46 2.37 6.07
C LEU A 115 7.32 2.23 7.32
N ALA A 116 8.63 2.01 7.14
CA ALA A 116 9.48 1.88 8.33
C ALA A 116 9.39 3.13 9.19
N PHE A 117 9.32 4.30 8.56
CA PHE A 117 9.20 5.55 9.30
C PHE A 117 7.86 5.64 10.03
N CYS A 118 6.75 5.51 9.29
CA CYS A 118 5.45 5.64 9.95
C CYS A 118 5.22 4.57 11.01
N HIS A 119 5.61 3.32 10.73
CA HIS A 119 5.49 2.27 11.74
C HIS A 119 6.34 2.57 12.97
N SER A 120 7.52 3.18 12.77
CA SER A 120 8.36 3.50 13.92
C SER A 120 7.74 4.58 14.80
N HIS A 121 6.81 5.37 14.26
CA HIS A 121 6.02 6.34 15.01
C HIS A 121 4.65 5.80 15.38
N ARG A 122 4.46 4.47 15.29
CA ARG A 122 3.20 3.81 15.64
C ARG A 122 2.01 4.29 14.81
N VAL A 123 2.22 4.67 13.55
CA VAL A 123 1.14 5.03 12.65
C VAL A 123 1.03 3.96 11.57
N LEU A 124 -0.17 3.41 11.39
CA LEU A 124 -0.45 2.44 10.33
C LEU A 124 -1.12 3.16 9.17
N HIS A 125 -0.93 2.62 7.97
CA HIS A 125 -1.69 3.13 6.83
C HIS A 125 -3.07 2.50 6.74
N ARG A 126 -3.12 1.15 6.71
CA ARG A 126 -4.32 0.31 6.71
C ARG A 126 -5.00 0.15 5.36
N ASP A 127 -4.71 1.02 4.38
CA ASP A 127 -5.44 0.95 3.12
C ASP A 127 -4.54 1.23 1.92
N LEU A 128 -3.34 0.64 1.91
CA LEU A 128 -2.43 0.85 0.78
C LEU A 128 -2.99 0.25 -0.50
N LYS A 129 -2.95 1.04 -1.58
CA LYS A 129 -3.29 0.53 -2.90
C LYS A 129 -2.57 1.40 -3.91
N PRO A 130 -2.40 0.91 -5.15
CA PRO A 130 -1.60 1.67 -6.13
C PRO A 130 -2.05 3.10 -6.32
N GLN A 131 -3.35 3.35 -6.25
CA GLN A 131 -3.84 4.69 -6.50
C GLN A 131 -3.51 5.67 -5.37
N ASN A 132 -3.13 5.16 -4.18
CA ASN A 132 -2.69 6.01 -3.07
C ASN A 132 -1.17 6.19 -3.04
N LEU A 133 -0.45 5.71 -4.03
CA LEU A 133 1.00 5.81 -4.05
C LEU A 133 1.36 6.84 -5.12
N LEU A 134 1.88 7.99 -4.68
CA LEU A 134 2.06 9.12 -5.58
C LEU A 134 3.51 9.20 -6.06
N ILE A 135 3.69 9.54 -7.35
CA ILE A 135 5.02 9.57 -7.94
C ILE A 135 5.29 10.92 -8.58
N ASN A 136 6.57 11.26 -8.66
CA ASN A 136 6.99 12.51 -9.32
C ASN A 136 8.03 12.24 -10.40
N THR A 137 8.43 13.32 -11.09
CA THR A 137 9.36 13.17 -12.20
C THR A 137 10.77 12.84 -11.78
N GLU A 138 11.09 12.98 -10.50
CA GLU A 138 12.44 12.79 -10.01
C GLU A 138 12.71 11.37 -9.52
N GLY A 139 11.77 10.45 -9.70
CA GLY A 139 11.95 9.08 -9.26
C GLY A 139 11.45 8.78 -7.87
N ALA A 140 10.82 9.73 -7.18
CA ALA A 140 10.32 9.47 -5.84
C ALA A 140 8.91 8.88 -5.90
N ILE A 141 8.59 8.11 -4.85
CA ILE A 141 7.22 7.64 -4.65
C ILE A 141 6.89 7.87 -3.18
N LYS A 142 5.62 8.19 -2.91
CA LYS A 142 5.23 8.63 -1.57
C LYS A 142 3.90 8.01 -1.17
N LEU A 143 3.79 7.66 0.11
CA LEU A 143 2.57 7.12 0.69
C LEU A 143 1.56 8.24 0.92
N ALA A 144 0.33 8.03 0.46
CA ALA A 144 -0.75 9.01 0.63
C ALA A 144 -2.04 8.29 0.97
N ASP A 145 -3.03 9.09 1.36
CA ASP A 145 -4.41 8.62 1.59
C ASP A 145 -4.45 7.58 2.71
N PHE A 146 -3.82 7.92 3.83
CA PHE A 146 -3.82 7.05 5.00
C PHE A 146 -5.23 6.82 5.48
N GLY A 147 -5.50 5.60 5.95
CA GLY A 147 -6.83 5.25 6.44
C GLY A 147 -6.99 5.52 7.92
N LEU A 148 -6.71 6.75 8.34
CA LEU A 148 -6.57 7.10 9.75
C LEU A 148 -7.86 7.59 10.40
N ALA A 149 -8.99 7.58 9.67
CA ALA A 149 -10.24 8.07 10.23
C ALA A 149 -10.64 7.29 11.47
N ARG A 150 -10.67 5.96 11.37
CA ARG A 150 -11.08 5.14 12.50
C ARG A 150 -10.13 5.31 13.68
N ALA A 151 -8.83 5.26 13.42
CA ALA A 151 -7.82 5.44 14.47
C ALA A 151 -7.97 6.82 15.11
N VAL A 163 -17.55 1.41 -4.68
CA VAL A 163 -17.12 0.06 -4.36
C VAL A 163 -15.78 0.09 -3.60
N VAL A 164 -15.72 -0.60 -2.47
CA VAL A 164 -14.48 -0.65 -1.71
C VAL A 164 -13.56 -1.70 -2.34
N THR A 165 -12.32 -1.31 -2.61
CA THR A 165 -11.37 -2.25 -3.17
C THR A 165 -10.78 -3.08 -2.04
N LEU A 166 -10.94 -4.41 -2.11
CA LEU A 166 -10.41 -5.32 -1.12
C LEU A 166 -9.14 -6.06 -1.56
N TRP A 167 -8.64 -5.79 -2.76
CA TRP A 167 -7.59 -6.60 -3.35
C TRP A 167 -6.31 -6.62 -2.53
N TYR A 168 -6.09 -5.59 -1.71
CA TYR A 168 -4.83 -5.43 -0.99
C TYR A 168 -5.00 -5.68 0.50
N ARG A 169 -6.17 -6.15 0.93
CA ARG A 169 -6.47 -6.31 2.35
C ARG A 169 -5.81 -7.58 2.91
N ALA A 170 -5.15 -7.42 4.06
CA ALA A 170 -4.52 -8.54 4.75
C ALA A 170 -5.56 -9.55 5.23
N PRO A 171 -5.19 -10.84 5.27
CA PRO A 171 -6.17 -11.88 5.63
C PRO A 171 -6.67 -11.76 7.05
N GLU A 172 -5.85 -11.28 7.99
CA GLU A 172 -6.35 -11.09 9.36
C GLU A 172 -7.48 -10.06 9.42
N ILE A 173 -7.45 -9.04 8.55
CA ILE A 173 -8.54 -8.07 8.53
C ILE A 173 -9.80 -8.74 8.00
N LEU A 174 -9.66 -9.50 6.91
CA LEU A 174 -10.81 -10.19 6.32
C LEU A 174 -11.40 -11.22 7.27
N LEU A 175 -10.59 -11.77 8.16
CA LEU A 175 -11.07 -12.74 9.15
C LEU A 175 -11.55 -12.07 10.43
N GLY A 176 -11.69 -10.74 10.45
CA GLY A 176 -12.32 -10.06 11.55
C GLY A 176 -11.42 -9.73 12.72
N CYS A 177 -10.09 -9.76 12.54
CA CYS A 177 -9.22 -9.37 13.64
C CYS A 177 -9.52 -7.94 14.04
N LYS A 178 -9.71 -7.74 15.34
CA LYS A 178 -10.17 -6.46 15.84
C LYS A 178 -9.03 -5.44 15.94
N TYR A 179 -7.79 -5.90 15.97
CA TYR A 179 -6.64 -5.05 16.25
C TYR A 179 -5.60 -5.22 15.14
N TYR A 180 -5.45 -4.21 14.29
CA TYR A 180 -4.44 -4.31 13.23
C TYR A 180 -3.05 -4.12 13.79
N SER A 181 -2.08 -4.79 13.17
CA SER A 181 -0.68 -4.48 13.42
C SER A 181 -0.07 -3.91 12.16
N THR A 182 1.17 -3.45 12.29
CA THR A 182 1.95 -2.96 11.16
C THR A 182 2.00 -3.96 10.01
N ALA A 183 1.81 -5.25 10.30
CA ALA A 183 1.89 -6.28 9.28
C ALA A 183 0.83 -6.12 8.19
N VAL A 184 -0.29 -5.46 8.50
CA VAL A 184 -1.30 -5.28 7.44
C VAL A 184 -0.73 -4.49 6.28
N ASP A 185 0.16 -3.54 6.56
CA ASP A 185 0.71 -2.70 5.49
C ASP A 185 1.73 -3.45 4.66
N ILE A 186 2.49 -4.35 5.30
CA ILE A 186 3.44 -5.17 4.57
C ILE A 186 2.72 -6.09 3.60
N TRP A 187 1.59 -6.68 4.04
CA TRP A 187 0.79 -7.51 3.13
C TRP A 187 0.37 -6.70 1.91
N SER A 188 -0.22 -5.53 2.13
CA SER A 188 -0.69 -4.73 1.00
C SER A 188 0.45 -4.39 0.07
N LEU A 189 1.59 -4.02 0.63
CA LEU A 189 2.73 -3.71 -0.21
C LEU A 189 3.24 -4.92 -0.98
N GLY A 190 3.17 -6.11 -0.39
CA GLY A 190 3.53 -7.31 -1.14
C GLY A 190 2.63 -7.54 -2.34
N CYS A 191 1.32 -7.32 -2.15
CA CYS A 191 0.37 -7.45 -3.24
C CYS A 191 0.70 -6.45 -4.35
N ILE A 192 1.11 -5.23 -3.97
CA ILE A 192 1.43 -4.21 -4.97
C ILE A 192 2.71 -4.58 -5.71
N PHE A 193 3.71 -5.08 -4.98
CA PHE A 193 4.96 -5.56 -5.59
C PHE A 193 4.66 -6.61 -6.65
N ALA A 194 3.85 -7.63 -6.30
CA ALA A 194 3.51 -8.67 -7.27
C ALA A 194 2.83 -8.09 -8.51
N GLU A 195 1.96 -7.10 -8.31
CA GLU A 195 1.22 -6.47 -9.41
C GLU A 195 2.13 -5.67 -10.32
N MET A 196 3.14 -5.00 -9.77
CA MET A 196 4.08 -4.24 -10.61
C MET A 196 4.88 -5.23 -11.47
N VAL A 197 5.18 -6.41 -10.95
CA VAL A 197 6.00 -7.39 -11.66
C VAL A 197 5.19 -8.07 -12.77
N THR A 198 4.00 -8.55 -12.44
CA THR A 198 3.23 -9.36 -13.38
C THR A 198 2.28 -8.57 -14.25
N ARG A 199 2.01 -7.31 -13.89
CA ARG A 199 1.06 -6.45 -14.59
C ARG A 199 -0.39 -6.93 -14.48
N ARG A 200 -0.70 -7.65 -13.40
CA ARG A 200 -2.07 -8.03 -13.09
C ARG A 200 -2.20 -8.07 -11.59
N ALA A 201 -3.37 -7.68 -11.09
CA ALA A 201 -3.62 -7.76 -9.65
C ALA A 201 -3.48 -9.20 -9.15
N LEU A 202 -2.83 -9.34 -7.99
CA LEU A 202 -2.59 -10.65 -7.41
C LEU A 202 -3.89 -11.32 -6.97
N PHE A 203 -4.70 -10.62 -6.19
CA PHE A 203 -5.92 -11.16 -5.58
C PHE A 203 -7.08 -10.21 -5.84
N PRO A 204 -7.64 -10.20 -7.05
CA PRO A 204 -8.73 -9.25 -7.31
C PRO A 204 -10.13 -9.77 -6.94
N GLY A 205 -10.42 -9.77 -5.64
CA GLY A 205 -11.72 -10.21 -5.17
C GLY A 205 -12.76 -9.11 -5.19
N ASP A 206 -14.04 -9.50 -5.15
CA ASP A 206 -15.11 -8.51 -5.18
C ASP A 206 -16.09 -8.61 -4.00
N SER A 207 -15.86 -9.54 -3.07
CA SER A 207 -16.53 -9.58 -1.78
C SER A 207 -15.49 -10.01 -0.77
N GLU A 208 -15.79 -9.87 0.52
CA GLU A 208 -14.81 -10.27 1.53
C GLU A 208 -14.49 -11.75 1.41
N ILE A 209 -15.51 -12.59 1.22
CA ILE A 209 -15.23 -14.02 1.12
C ILE A 209 -14.57 -14.39 -0.21
N ASP A 210 -14.91 -13.69 -1.30
CA ASP A 210 -14.21 -13.94 -2.55
C ASP A 210 -12.74 -13.55 -2.43
N GLN A 211 -12.47 -12.45 -1.74
CA GLN A 211 -11.09 -12.03 -1.52
C GLN A 211 -10.33 -13.06 -0.70
N LEU A 212 -10.92 -13.47 0.43
CA LEU A 212 -10.34 -14.52 1.26
C LEU A 212 -10.08 -15.78 0.46
N PHE A 213 -11.07 -16.23 -0.31
CA PHE A 213 -10.91 -17.49 -1.03
C PHE A 213 -9.91 -17.37 -2.17
N ARG A 214 -9.78 -16.18 -2.78
CA ARG A 214 -8.72 -15.97 -3.77
C ARG A 214 -7.34 -16.11 -3.13
N ILE A 215 -7.17 -15.52 -1.93
CA ILE A 215 -5.92 -15.72 -1.20
C ILE A 215 -5.69 -17.19 -0.90
N PHE A 216 -6.73 -17.88 -0.38
CA PHE A 216 -6.55 -19.27 0.02
C PHE A 216 -6.18 -20.15 -1.17
N ARG A 217 -6.77 -19.89 -2.34
CA ARG A 217 -6.50 -20.74 -3.50
C ARG A 217 -5.04 -20.64 -3.95
N THR A 218 -4.43 -19.47 -3.78
CA THR A 218 -3.03 -19.28 -4.18
C THR A 218 -2.06 -19.72 -3.10
N LEU A 219 -2.30 -19.31 -1.86
CA LEU A 219 -1.34 -19.53 -0.79
C LEU A 219 -1.69 -20.72 0.09
N GLY A 220 -2.79 -21.42 -0.21
CA GLY A 220 -3.28 -22.52 0.61
C GLY A 220 -4.18 -22.02 1.73
N THR A 221 -5.18 -22.82 2.06
CA THR A 221 -6.03 -22.46 3.18
C THR A 221 -5.21 -22.50 4.46
N PRO A 222 -5.17 -21.44 5.24
CA PRO A 222 -4.31 -21.43 6.42
C PRO A 222 -4.86 -22.36 7.49
N ASP A 223 -3.94 -22.87 8.29
CA ASP A 223 -4.22 -23.79 9.38
C ASP A 223 -3.38 -23.41 10.60
N GLU A 224 -3.54 -24.15 11.69
CA GLU A 224 -2.81 -23.82 12.90
C GLU A 224 -1.31 -24.05 12.76
N VAL A 225 -0.89 -24.90 11.82
CA VAL A 225 0.54 -25.13 11.59
C VAL A 225 1.21 -23.86 11.11
N VAL A 226 0.67 -23.25 10.05
CA VAL A 226 1.29 -22.06 9.48
C VAL A 226 0.84 -20.77 10.16
N TRP A 227 -0.30 -20.76 10.83
CA TRP A 227 -0.86 -19.55 11.43
C TRP A 227 -1.53 -19.92 12.74
N PRO A 228 -0.74 -20.04 13.82
CA PRO A 228 -1.35 -20.38 15.12
C PRO A 228 -2.41 -19.36 15.50
N GLY A 229 -3.58 -19.86 15.86
CA GLY A 229 -4.68 -19.02 16.22
C GLY A 229 -5.63 -18.67 15.10
N VAL A 230 -5.33 -19.07 13.86
CA VAL A 230 -6.22 -18.72 12.75
C VAL A 230 -7.63 -19.26 12.98
N THR A 231 -7.73 -20.45 13.58
CA THR A 231 -9.05 -21.05 13.75
C THR A 231 -9.85 -20.38 14.86
N SER A 232 -9.25 -19.44 15.57
CA SER A 232 -9.94 -18.67 16.61
C SER A 232 -10.36 -17.30 16.14
N MET A 233 -10.02 -16.92 14.90
CA MET A 233 -10.35 -15.61 14.39
C MET A 233 -11.87 -15.44 14.32
N PRO A 234 -12.38 -14.22 14.56
CA PRO A 234 -13.84 -14.02 14.66
C PRO A 234 -14.64 -14.55 13.48
N ASP A 235 -14.13 -14.37 12.26
CA ASP A 235 -14.85 -14.75 11.05
C ASP A 235 -14.34 -16.05 10.44
N TYR A 236 -13.47 -16.77 11.15
CA TYR A 236 -13.01 -18.06 10.64
C TYR A 236 -14.14 -19.07 10.74
N LYS A 237 -14.30 -19.87 9.69
CA LYS A 237 -15.30 -20.92 9.69
C LYS A 237 -14.61 -22.26 9.44
N PRO A 238 -14.84 -23.27 10.27
CA PRO A 238 -14.28 -24.59 9.99
C PRO A 238 -14.68 -25.14 8.64
N SER A 239 -15.76 -24.63 8.07
CA SER A 239 -16.29 -25.07 6.78
C SER A 239 -15.60 -24.42 5.58
N PHE A 240 -14.61 -23.56 5.81
CA PHE A 240 -13.83 -23.03 4.70
C PHE A 240 -13.27 -24.20 3.90
N PRO A 241 -13.28 -24.14 2.56
CA PRO A 241 -12.61 -25.19 1.79
C PRO A 241 -11.12 -25.21 2.09
N LYS A 242 -10.52 -26.40 1.98
CA LYS A 242 -9.08 -26.56 2.20
C LYS A 242 -8.39 -26.69 0.84
N TRP A 243 -7.82 -25.57 0.36
CA TRP A 243 -7.02 -25.58 -0.86
C TRP A 243 -5.55 -25.81 -0.50
N ALA A 244 -4.85 -26.52 -1.39
CA ALA A 244 -3.41 -26.66 -1.26
C ALA A 244 -2.72 -25.39 -1.75
N ARG A 245 -1.46 -25.22 -1.33
CA ARG A 245 -0.69 -24.04 -1.68
C ARG A 245 -0.02 -24.23 -3.04
N GLN A 246 -0.12 -23.20 -3.90
CA GLN A 246 0.63 -23.16 -5.16
C GLN A 246 2.11 -22.82 -4.90
N ASP A 247 2.87 -22.63 -5.97
CA ASP A 247 4.28 -22.28 -5.91
C ASP A 247 4.48 -20.84 -6.37
N PHE A 248 5.32 -20.09 -5.64
CA PHE A 248 5.61 -18.71 -6.02
C PHE A 248 6.23 -18.60 -7.41
N SER A 249 6.89 -19.66 -7.90
CA SER A 249 7.38 -19.65 -9.27
C SER A 249 6.23 -19.47 -10.24
N LYS A 250 5.03 -19.94 -9.87
CA LYS A 250 3.84 -19.77 -10.68
C LYS A 250 3.17 -18.40 -10.45
N VAL A 251 3.45 -17.78 -9.30
CA VAL A 251 2.69 -16.60 -8.88
C VAL A 251 3.25 -15.32 -9.48
N VAL A 252 4.56 -15.13 -9.44
CA VAL A 252 5.15 -13.91 -10.00
C VAL A 252 6.23 -14.24 -11.03
N PRO A 253 5.95 -15.13 -11.99
CA PRO A 253 6.99 -15.91 -12.69
C PRO A 253 8.27 -15.15 -12.95
N PRO A 254 8.25 -14.04 -13.74
CA PRO A 254 9.53 -13.48 -14.21
C PRO A 254 10.53 -13.17 -13.11
N LEU A 255 10.03 -13.02 -11.89
CA LEU A 255 10.84 -12.51 -10.78
C LEU A 255 11.87 -13.52 -10.32
N ASP A 256 13.07 -13.03 -9.98
CA ASP A 256 14.17 -13.90 -9.61
C ASP A 256 13.97 -14.36 -8.17
N GLU A 257 14.87 -15.23 -7.71
CA GLU A 257 14.69 -15.85 -6.39
C GLU A 257 14.84 -14.84 -5.26
N ASP A 258 15.64 -13.79 -5.44
CA ASP A 258 15.70 -12.77 -4.40
C ASP A 258 14.35 -12.09 -4.24
N GLY A 259 13.73 -11.69 -5.34
CA GLY A 259 12.42 -11.05 -5.26
C GLY A 259 11.33 -12.00 -4.78
N ARG A 260 11.34 -13.26 -5.24
CA ARG A 260 10.32 -14.20 -4.80
C ARG A 260 10.45 -14.49 -3.31
N SER A 261 11.69 -14.58 -2.81
CA SER A 261 11.90 -14.81 -1.38
C SER A 261 11.37 -13.66 -0.54
N LEU A 262 11.66 -12.41 -0.97
CA LEU A 262 11.14 -11.27 -0.24
C LEU A 262 9.62 -11.24 -0.28
N LEU A 263 9.04 -11.47 -1.46
CA LEU A 263 7.58 -11.46 -1.56
C LEU A 263 6.96 -12.52 -0.65
N SER A 264 7.56 -13.72 -0.61
CA SER A 264 7.01 -14.77 0.25
C SER A 264 7.01 -14.34 1.70
N GLN A 265 8.03 -13.58 2.13
CA GLN A 265 8.07 -13.11 3.51
C GLN A 265 7.05 -12.01 3.78
N MET A 266 6.68 -11.25 2.74
CA MET A 266 5.73 -10.17 2.90
C MET A 266 4.31 -10.72 2.90
N LEU A 267 4.13 -11.96 2.43
CA LEU A 267 2.81 -12.58 2.31
C LEU A 267 2.64 -13.77 3.25
N HIS A 268 3.44 -13.85 4.31
CA HIS A 268 3.21 -14.89 5.31
C HIS A 268 1.83 -14.66 5.93
N TYR A 269 1.12 -15.76 6.17
CA TYR A 269 -0.21 -15.64 6.78
C TYR A 269 -0.12 -15.07 8.18
N ASP A 270 0.78 -15.64 9.00
CA ASP A 270 0.88 -15.22 10.39
C ASP A 270 1.45 -13.81 10.45
N PRO A 271 0.69 -12.82 10.92
CA PRO A 271 1.26 -11.46 11.00
C PRO A 271 2.53 -11.41 11.80
N ASN A 272 2.68 -12.28 12.80
CA ASN A 272 3.92 -12.33 13.57
C ASN A 272 5.10 -12.86 12.77
N LYS A 273 4.87 -13.61 11.70
CA LYS A 273 5.98 -14.10 10.91
C LYS A 273 6.29 -13.17 9.73
N ARG A 274 5.32 -12.38 9.33
CA ARG A 274 5.48 -11.50 8.18
C ARG A 274 6.63 -10.52 8.43
N ILE A 275 7.44 -10.29 7.40
CA ILE A 275 8.64 -9.46 7.57
C ILE A 275 8.24 -8.01 7.87
N SER A 276 9.06 -7.34 8.70
CA SER A 276 8.84 -5.92 8.98
C SER A 276 9.43 -5.06 7.88
N ALA A 277 8.99 -3.80 7.84
CA ALA A 277 9.54 -2.88 6.84
C ALA A 277 11.05 -2.73 7.02
N LYS A 278 11.49 -2.54 8.27
CA LYS A 278 12.92 -2.40 8.54
C LYS A 278 13.72 -3.62 8.08
N ALA A 279 13.24 -4.82 8.41
CA ALA A 279 13.95 -6.04 8.01
C ALA A 279 13.95 -6.21 6.50
N ALA A 280 12.83 -5.85 5.84
CA ALA A 280 12.76 -5.99 4.39
C ALA A 280 13.79 -5.13 3.68
N LEU A 281 14.12 -3.96 4.26
CA LEU A 281 15.11 -3.08 3.65
C LEU A 281 16.49 -3.72 3.60
N ALA A 282 16.76 -4.70 4.47
CA ALA A 282 18.03 -5.39 4.50
C ALA A 282 18.05 -6.64 3.63
N HIS A 283 16.94 -6.97 2.98
CA HIS A 283 16.87 -8.18 2.17
C HIS A 283 17.83 -8.09 0.99
N PRO A 284 18.44 -9.22 0.59
CA PRO A 284 19.38 -9.18 -0.55
C PRO A 284 18.78 -8.67 -1.85
N PHE A 285 17.45 -8.69 -2.00
CA PHE A 285 16.84 -8.13 -3.20
C PHE A 285 17.27 -6.69 -3.45
N PHE A 286 17.60 -5.95 -2.39
CA PHE A 286 17.92 -4.53 -2.51
C PHE A 286 19.42 -4.25 -2.59
N GLN A 287 20.26 -5.29 -2.72
CA GLN A 287 21.70 -5.03 -2.76
C GLN A 287 22.11 -4.15 -3.92
N ASP A 288 21.43 -4.27 -5.06
CA ASP A 288 21.74 -3.46 -6.24
C ASP A 288 20.73 -2.35 -6.51
N VAL A 289 20.03 -1.88 -5.47
CA VAL A 289 19.00 -0.88 -5.69
C VAL A 289 19.62 0.43 -6.17
N THR A 290 18.90 1.10 -7.06
CA THR A 290 19.27 2.40 -7.62
C THR A 290 18.02 3.27 -7.62
N LYS A 291 18.15 4.52 -8.09
CA LYS A 291 17.00 5.43 -8.17
C LYS A 291 16.85 5.92 -9.61
N PRO A 292 16.27 5.11 -10.49
CA PRO A 292 16.04 5.56 -11.88
C PRO A 292 14.96 6.63 -11.91
N VAL A 293 14.91 7.34 -13.03
CA VAL A 293 13.86 8.32 -13.23
C VAL A 293 12.83 7.73 -14.19
N PRO A 294 11.54 7.77 -13.86
CA PRO A 294 10.52 7.20 -14.74
C PRO A 294 10.21 8.15 -15.88
N HIS A 295 9.56 7.59 -16.90
CA HIS A 295 9.03 8.38 -18.01
C HIS A 295 7.56 8.68 -17.71
N LEU A 296 7.27 9.94 -17.40
CA LEU A 296 5.93 10.36 -17.01
C LEU A 296 5.35 11.28 -18.08
N ARG A 297 4.12 10.98 -18.49
CA ARG A 297 3.35 11.78 -19.43
C ARG A 297 2.30 12.51 -18.61
N LEU A 298 2.49 13.81 -18.40
CA LEU A 298 1.59 14.58 -17.55
C LEU A 298 0.64 15.44 -18.37
C1 EDO B . 10.46 -18.87 -1.68
O1 EDO B . 11.79 -18.31 -1.64
C2 EDO B . 9.82 -18.47 -3.01
O2 EDO B . 10.65 -18.94 -4.07
C10 80E C . -1.35 11.92 7.15
C13 80E C . 1.96 13.11 7.26
C15 80E C . 2.91 11.55 8.52
C17 80E C . 1.50 9.62 8.27
C20 80E C . 3.75 10.82 9.39
C21 80E C . -4.90 11.39 6.00
C22 80E C . -4.73 11.12 4.52
C02 80E C . -7.78 11.66 8.45
C04 80E C . -10.11 11.44 8.29
C05 80E C . -6.37 11.64 7.88
C06 80E C . -5.29 11.88 8.71
C07 80E C . -4.01 11.87 8.19
C08 80E C . -3.82 11.63 6.83
C11 80E C . -0.07 11.84 6.33
C12 80E C . 1.19 11.97 7.16
C16 80E C . 1.79 10.97 7.96
C18 80E C . 2.32 8.89 9.12
C19 80E C . 3.45 9.49 9.68
C25 80E C . -6.18 11.40 6.52
N09 80E C . -2.48 11.61 6.29
N14 80E C . 2.97 12.85 8.08
O01 80E C . -7.94 11.81 9.62
O03 80E C . -8.89 11.50 7.61
O23 80E C . -5.74 11.23 3.77
O24 80E C . -3.60 10.80 4.03
#